data_6H8X
#
_entry.id   6H8X
#
_cell.length_a   38.160
_cell.length_b   116.980
_cell.length_c   53.110
_cell.angle_alpha   90.00
_cell.angle_beta   98.93
_cell.angle_gamma   90.00
#
_symmetry.space_group_name_H-M   'P 1 21 1'
#
loop_
_entity.id
_entity.type
_entity.pdbx_description
1 polymer Beta-phosphoglucomutase
2 non-polymer 'MAGNESIUM ION'
3 non-polymer 1,2-ETHANEDIOL
4 non-polymer TRIFLUOROMAGNESATE
5 non-polymer 'ACETATE ION'
6 non-polymer 1,3-PROPANDIOL
7 water water
#
_entity_poly.entity_id   1
_entity_poly.type   'polypeptide(L)'
_entity_poly.pdbx_seq_one_letter_code
;MFKAVLFDLDGVITDTAEYHFRAWKALAEEIGINGVDRQFNEQLKGVSREDSLQKILDLADKKVSAEEFKELAKRKNDNY
VKMIQDVSPADVYPGILQLLKDLRSNKIKIALASASKNGPFLLERMNLTGYFDAIADPAEVAASKPAPDIFIAAAHAVGV
APSESIGLEDSQAGIQAIKDSGALPIGVGRPEDLGDDIVIVPDTSHYTLEFLKEVWLQKQK
;
_entity_poly.pdbx_strand_id   A,B
#
# COMPACT_ATOMS: atom_id res chain seq x y z
N MET A 1 23.35 10.18 21.02
CA MET A 1 22.88 9.95 19.62
C MET A 1 23.06 8.47 19.33
N PHE A 2 22.15 7.93 18.52
CA PHE A 2 22.32 6.58 18.00
C PHE A 2 23.72 6.35 17.38
N LYS A 3 24.22 5.15 17.56
CA LYS A 3 25.56 4.78 17.10
C LYS A 3 25.58 3.90 15.85
N ALA A 4 24.41 3.38 15.46
CA ALA A 4 24.30 2.54 14.26
C ALA A 4 22.91 2.59 13.66
N VAL A 5 22.85 2.27 12.38
CA VAL A 5 21.61 2.03 11.66
C VAL A 5 21.67 0.66 11.04
N LEU A 6 20.62 -0.09 11.28
CA LEU A 6 20.49 -1.47 10.85
C LEU A 6 19.45 -1.51 9.72
N PHE A 7 19.90 -1.86 8.52
CA PHE A 7 19.07 -1.77 7.30
C PHE A 7 18.53 -3.11 6.87
N ASP A 8 17.23 -3.16 6.66
CA ASP A 8 16.67 -4.24 5.83
C ASP A 8 17.09 -3.96 4.39
N LEU A 9 17.02 -4.96 3.52
CA LEU A 9 17.39 -4.78 2.12
C LEU A 9 16.13 -4.53 1.29
N ASP A 10 15.33 -5.56 1.06
CA ASP A 10 14.15 -5.42 0.22
C ASP A 10 13.14 -4.42 0.81
N GLY A 11 12.71 -3.48 -0.02
CA GLY A 11 11.79 -2.43 0.41
C GLY A 11 12.41 -1.26 1.15
N VAL A 12 13.72 -1.31 1.41
CA VAL A 12 14.41 -0.18 2.03
C VAL A 12 15.53 0.28 1.12
N ILE A 13 16.49 -0.60 0.83
CA ILE A 13 17.61 -0.25 -0.01
C ILE A 13 17.26 -0.46 -1.45
N THR A 14 16.56 -1.55 -1.77
CA THR A 14 16.22 -1.83 -3.16
C THR A 14 15.01 -2.79 -3.25
N ASP A 15 14.60 -3.12 -4.47
CA ASP A 15 13.47 -4.04 -4.66
C ASP A 15 14.02 -5.35 -5.15
N THR A 16 14.03 -6.36 -4.30
CA THR A 16 14.33 -7.73 -4.76
C THR A 16 13.05 -8.56 -4.96
N ALA A 17 11.95 -8.15 -4.31
CA ALA A 17 10.65 -8.81 -4.44
C ALA A 17 10.25 -8.94 -5.92
N GLU A 18 10.64 -7.97 -6.73
CA GLU A 18 10.33 -8.03 -8.16
C GLU A 18 10.90 -9.30 -8.82
N TYR A 19 12.13 -9.64 -8.46
CA TYR A 19 12.82 -10.73 -9.10
C TYR A 19 12.36 -12.06 -8.55
N HIS A 20 12.03 -12.14 -7.25
CA HIS A 20 11.40 -13.35 -6.77
C HIS A 20 10.07 -13.61 -7.50
N PHE A 21 9.27 -12.56 -7.67
CA PHE A 21 7.98 -12.67 -8.33
C PHE A 21 8.20 -13.18 -9.76
N ARG A 22 9.11 -12.53 -10.49
CA ARG A 22 9.35 -12.93 -11.89
C ARG A 22 9.79 -14.39 -12.00
N ALA A 23 10.60 -14.82 -11.04
CA ALA A 23 11.12 -16.16 -11.05
C ALA A 23 10.05 -17.20 -10.75
N TRP A 24 9.16 -16.93 -9.79
CA TRP A 24 8.04 -17.80 -9.55
C TRP A 24 7.08 -17.81 -10.73
N LYS A 25 6.85 -16.65 -11.34
CA LYS A 25 5.97 -16.55 -12.53
C LYS A 25 6.48 -17.40 -13.68
N ALA A 26 7.77 -17.31 -13.93
CA ALA A 26 8.44 -18.00 -15.04
C ALA A 26 8.47 -19.49 -14.80
N LEU A 27 8.69 -19.91 -13.56
CA LEU A 27 8.50 -21.31 -13.20
C LEU A 27 7.07 -21.79 -13.49
N ALA A 28 6.08 -21.01 -13.04
CA ALA A 28 4.70 -21.42 -13.12
C ALA A 28 4.28 -21.61 -14.59
N GLU A 29 4.57 -20.61 -15.42
CA GLU A 29 4.38 -20.66 -16.89
C GLU A 29 5.01 -21.90 -17.50
N GLU A 30 6.29 -22.09 -17.19
CA GLU A 30 7.10 -23.22 -17.63
C GLU A 30 6.52 -24.61 -17.33
N ILE A 31 5.62 -24.73 -16.35
CA ILE A 31 4.90 -25.99 -16.08
C ILE A 31 3.38 -25.89 -16.27
N GLY A 32 2.93 -24.86 -16.98
CA GLY A 32 1.52 -24.71 -17.37
C GLY A 32 0.55 -24.31 -16.27
N ILE A 33 1.01 -23.59 -15.25
CA ILE A 33 0.09 -23.11 -14.21
C ILE A 33 -0.16 -21.62 -14.43
N ASN A 34 -1.44 -21.25 -14.43
CA ASN A 34 -1.87 -19.87 -14.68
C ASN A 34 -2.19 -19.27 -13.33
N GLY A 35 -2.11 -17.96 -13.19
CA GLY A 35 -2.62 -17.32 -11.98
C GLY A 35 -1.55 -16.81 -11.02
N VAL A 36 -0.27 -17.02 -11.37
CA VAL A 36 0.84 -16.44 -10.59
C VAL A 36 1.05 -15.00 -11.08
N ASP A 37 0.22 -14.11 -10.54
CA ASP A 37 0.28 -12.68 -10.84
C ASP A 37 0.66 -11.90 -9.57
N ARG A 38 0.72 -10.58 -9.69
CA ARG A 38 1.25 -9.78 -8.59
C ARG A 38 0.35 -9.80 -7.37
N GLN A 39 -0.95 -9.98 -7.57
CA GLN A 39 -1.85 -10.16 -6.43
C GLN A 39 -1.63 -11.49 -5.70
N PHE A 40 -1.59 -12.56 -6.48
CA PHE A 40 -1.31 -13.90 -5.91
C PHE A 40 0.03 -13.90 -5.15
N ASN A 41 0.99 -13.18 -5.68
CA ASN A 41 2.33 -13.13 -5.14
C ASN A 41 2.36 -12.63 -3.71
N GLU A 42 1.32 -11.90 -3.29
CA GLU A 42 1.22 -11.49 -1.89
C GLU A 42 1.22 -12.68 -0.93
N GLN A 43 0.73 -13.82 -1.36
CA GLN A 43 0.78 -15.04 -0.56
C GLN A 43 2.17 -15.71 -0.60
N LEU A 44 3.08 -15.25 -1.47
CA LEU A 44 4.45 -15.82 -1.57
C LEU A 44 5.52 -14.98 -0.88
N LYS A 45 5.25 -13.70 -0.62
CA LYS A 45 6.25 -12.80 -0.03
C LYS A 45 6.66 -13.18 1.36
N GLY A 46 7.97 -13.33 1.59
CA GLY A 46 8.52 -13.67 2.91
C GLY A 46 8.09 -15.03 3.44
N VAL A 47 7.72 -15.94 2.55
CA VAL A 47 7.26 -17.28 2.89
C VAL A 47 8.39 -18.17 2.40
N SER A 48 8.59 -19.33 3.00
CA SER A 48 9.67 -20.19 2.53
C SER A 48 9.46 -20.63 1.05
N ARG A 49 10.55 -21.04 0.45
CA ARG A 49 10.51 -21.60 -0.89
C ARG A 49 9.57 -22.80 -1.01
N GLU A 50 9.54 -23.68 -0.02
CA GLU A 50 8.69 -24.87 -0.08
C GLU A 50 7.26 -24.47 -0.04
N ASP A 51 6.96 -23.60 0.91
CA ASP A 51 5.59 -23.11 1.04
C ASP A 51 5.14 -22.42 -0.22
N SER A 52 5.98 -21.59 -0.81
CA SER A 52 5.62 -20.92 -2.08
C SER A 52 5.33 -21.88 -3.22
N LEU A 53 6.24 -22.82 -3.41
CA LEU A 53 6.06 -23.81 -4.45
C LEU A 53 4.78 -24.61 -4.25
N GLN A 54 4.54 -25.04 -3.01
CA GLN A 54 3.31 -25.75 -2.68
C GLN A 54 2.07 -24.92 -3.04
N LYS A 55 2.06 -23.64 -2.68
CA LYS A 55 0.92 -22.77 -2.99
C LYS A 55 0.70 -22.62 -4.52
N ILE A 56 1.79 -22.58 -5.28
CA ILE A 56 1.71 -22.49 -6.73
C ILE A 56 1.22 -23.78 -7.35
N LEU A 57 1.76 -24.90 -6.86
CA LEU A 57 1.21 -26.22 -7.27
C LEU A 57 -0.30 -26.36 -6.93
N ASP A 58 -0.69 -25.93 -5.73
CA ASP A 58 -2.10 -25.96 -5.32
C ASP A 58 -3.07 -25.17 -6.20
N LEU A 59 -2.58 -24.16 -6.93
CA LEU A 59 -3.43 -23.49 -7.92
C LEU A 59 -4.01 -24.49 -8.92
N ALA A 60 -3.15 -25.22 -9.60
CA ALA A 60 -3.57 -26.20 -10.62
C ALA A 60 -3.91 -27.59 -10.06
N ASP A 61 -3.82 -27.76 -8.75
CA ASP A 61 -3.96 -29.06 -8.11
C ASP A 61 -2.96 -30.08 -8.73
N LYS A 62 -1.72 -29.62 -8.95
CA LYS A 62 -0.70 -30.45 -9.61
C LYS A 62 0.04 -31.27 -8.55
N LYS A 63 0.30 -32.53 -8.89
CA LYS A 63 1.03 -33.47 -8.04
C LYS A 63 2.47 -33.60 -8.56
N VAL A 64 3.43 -33.72 -7.65
CA VAL A 64 4.83 -33.96 -7.98
C VAL A 64 5.47 -34.92 -6.98
N SER A 65 6.52 -35.61 -7.41
CA SER A 65 7.35 -36.41 -6.53
C SER A 65 8.24 -35.52 -5.71
N ALA A 66 8.93 -36.12 -4.76
CA ALA A 66 9.90 -35.41 -3.94
C ALA A 66 11.08 -34.92 -4.79
N GLU A 67 11.49 -35.76 -5.74
CA GLU A 67 12.57 -35.41 -6.68
C GLU A 67 12.18 -34.22 -7.56
N GLU A 68 10.96 -34.24 -8.07
CA GLU A 68 10.44 -33.14 -8.90
C GLU A 68 10.25 -31.84 -8.13
N PHE A 69 9.71 -31.95 -6.93
CA PHE A 69 9.59 -30.78 -6.02
C PHE A 69 10.96 -30.13 -5.80
N LYS A 70 11.95 -30.97 -5.52
CA LYS A 70 13.31 -30.44 -5.28
C LYS A 70 13.88 -29.70 -6.52
N GLU A 71 13.66 -30.27 -7.68
CA GLU A 71 14.17 -29.71 -8.93
C GLU A 71 13.48 -28.39 -9.26
N LEU A 72 12.16 -28.35 -9.05
CA LEU A 72 11.42 -27.12 -9.26
C LEU A 72 11.90 -25.97 -8.36
N ALA A 73 12.05 -26.26 -7.09
CA ALA A 73 12.59 -25.34 -6.10
C ALA A 73 13.96 -24.75 -6.51
N LYS A 74 14.82 -25.66 -6.99
CA LYS A 74 16.15 -25.27 -7.47
C LYS A 74 16.07 -24.38 -8.71
N ARG A 75 15.23 -24.79 -9.69
CA ARG A 75 15.02 -24.02 -10.91
C ARG A 75 14.57 -22.57 -10.59
N LYS A 76 13.71 -22.39 -9.58
CA LYS A 76 13.28 -21.04 -9.25
C LYS A 76 14.47 -20.26 -8.72
N ASN A 77 15.27 -20.90 -7.89
CA ASN A 77 16.40 -20.20 -7.32
C ASN A 77 17.42 -19.86 -8.39
N ASP A 78 17.69 -20.80 -9.27
CA ASP A 78 18.60 -20.53 -10.39
C ASP A 78 18.11 -19.36 -11.23
N ASN A 79 16.80 -19.33 -11.48
CA ASN A 79 16.24 -18.24 -12.26
C ASN A 79 16.39 -16.89 -11.52
N TYR A 80 16.17 -16.89 -10.20
CA TYR A 80 16.32 -15.70 -9.39
C TYR A 80 17.76 -15.20 -9.45
N VAL A 81 18.73 -16.10 -9.28
CA VAL A 81 20.14 -15.70 -9.32
C VAL A 81 20.50 -15.13 -10.71
N LYS A 82 19.96 -15.73 -11.76
CA LYS A 82 20.15 -15.16 -13.12
C LYS A 82 19.56 -13.75 -13.23
N MET A 83 18.36 -13.55 -12.71
CA MET A 83 17.68 -12.29 -12.85
C MET A 83 18.33 -11.15 -12.08
N ILE A 84 18.91 -11.43 -10.92
CA ILE A 84 19.60 -10.38 -10.19
C ILE A 84 20.99 -9.99 -10.73
N GLN A 85 21.49 -10.68 -11.77
CA GLN A 85 22.72 -10.25 -12.43
C GLN A 85 22.62 -8.83 -12.97
N ASP A 86 21.42 -8.39 -13.32
CA ASP A 86 21.12 -7.05 -13.84
C ASP A 86 21.13 -5.92 -12.80
N VAL A 87 21.22 -6.27 -11.52
CA VAL A 87 21.12 -5.24 -10.48
C VAL A 87 22.28 -4.25 -10.66
N SER A 88 21.96 -2.97 -10.51
CA SER A 88 22.94 -1.90 -10.66
C SER A 88 22.73 -0.77 -9.67
N PRO A 89 23.64 0.22 -9.60
CA PRO A 89 23.39 1.36 -8.75
C PRO A 89 22.10 2.12 -9.04
N ALA A 90 21.59 1.99 -10.26
CA ALA A 90 20.30 2.56 -10.63
C ALA A 90 19.10 1.99 -9.85
N ASP A 91 19.32 0.87 -9.15
CA ASP A 91 18.26 0.18 -8.45
C ASP A 91 18.19 0.58 -6.97
N VAL A 92 19.11 1.46 -6.52
CA VAL A 92 19.11 1.91 -5.12
C VAL A 92 17.94 2.86 -4.89
N TYR A 93 17.23 2.68 -3.80
CA TYR A 93 16.03 3.45 -3.53
C TYR A 93 16.37 4.92 -3.24
N PRO A 94 15.46 5.83 -3.57
CA PRO A 94 15.83 7.26 -3.42
C PRO A 94 16.23 7.62 -1.98
N GLY A 95 17.22 8.49 -1.83
CA GLY A 95 17.64 8.92 -0.53
C GLY A 95 18.64 8.01 0.16
N ILE A 96 18.72 6.73 -0.24
CA ILE A 96 19.51 5.76 0.50
C ILE A 96 21.01 6.01 0.33
N LEU A 97 21.49 6.24 -0.89
CA LEU A 97 22.91 6.51 -1.07
C LEU A 97 23.34 7.72 -0.24
N GLN A 98 22.54 8.78 -0.26
CA GLN A 98 22.90 9.99 0.47
C GLN A 98 22.90 9.71 1.96
N LEU A 99 21.92 8.93 2.41
CA LEU A 99 21.86 8.60 3.81
C LEU A 99 23.08 7.83 4.25
N LEU A 100 23.50 6.83 3.47
CA LEU A 100 24.70 6.05 3.78
C LEU A 100 25.94 6.94 3.88
N LYS A 101 26.09 7.85 2.94
CA LYS A 101 27.24 8.80 2.94
C LYS A 101 27.28 9.64 4.20
N ASP A 102 26.12 10.17 4.57
CA ASP A 102 25.97 11.04 5.71
C ASP A 102 26.19 10.31 7.03
N LEU A 103 25.69 9.08 7.15
CA LEU A 103 25.93 8.24 8.31
C LEU A 103 27.42 7.96 8.46
N ARG A 104 28.04 7.59 7.34
CA ARG A 104 29.44 7.23 7.29
C ARG A 104 30.29 8.46 7.67
N SER A 105 29.95 9.62 7.11
CA SER A 105 30.72 10.84 7.41
C SER A 105 30.63 11.23 8.90
N ASN A 106 29.54 10.83 9.55
CA ASN A 106 29.31 11.05 10.98
C ASN A 106 29.74 9.89 11.91
N LYS A 107 30.48 8.93 11.38
CA LYS A 107 30.98 7.75 12.11
C LYS A 107 29.89 6.95 12.79
N ILE A 108 28.73 6.89 12.15
CA ILE A 108 27.63 6.05 12.60
C ILE A 108 27.77 4.74 11.83
N LYS A 109 27.66 3.63 12.54
CA LYS A 109 27.86 2.30 11.98
C LYS A 109 26.65 1.94 11.10
N ILE A 110 26.92 1.18 10.05
CA ILE A 110 25.94 0.77 9.08
C ILE A 110 26.03 -0.75 8.96
N ALA A 111 24.91 -1.43 9.23
CA ALA A 111 24.82 -2.88 9.10
C ALA A 111 23.61 -3.32 8.30
N LEU A 112 23.78 -4.42 7.58
CA LEU A 112 22.63 -5.06 6.89
C LEU A 112 22.05 -6.15 7.78
N ALA A 113 20.73 -6.07 7.99
CA ALA A 113 19.96 -7.05 8.76
C ALA A 113 18.88 -7.63 7.86
N SER A 114 19.29 -8.42 6.87
CA SER A 114 18.36 -8.92 5.83
C SER A 114 18.41 -10.44 5.77
N ALA A 115 17.29 -11.02 5.44
CA ALA A 115 17.17 -12.45 5.18
C ALA A 115 17.76 -12.81 3.80
N SER A 116 18.14 -11.81 2.99
CA SER A 116 18.67 -12.09 1.65
C SER A 116 19.89 -12.97 1.71
N LYS A 117 19.81 -14.13 1.04
CA LYS A 117 20.93 -14.98 0.83
C LYS A 117 21.94 -14.44 -0.20
N ASN A 118 21.62 -13.34 -0.86
CA ASN A 118 22.48 -12.71 -1.82
C ASN A 118 22.82 -11.27 -1.40
N GLY A 119 22.71 -10.97 -0.10
CA GLY A 119 23.00 -9.62 0.37
C GLY A 119 24.33 -9.01 -0.03
N PRO A 120 25.43 -9.73 0.21
CA PRO A 120 26.71 -9.16 -0.19
C PRO A 120 26.83 -8.92 -1.69
N PHE A 121 26.39 -9.89 -2.48
CA PHE A 121 26.32 -9.73 -3.94
C PHE A 121 25.52 -8.50 -4.36
N LEU A 122 24.33 -8.36 -3.82
CA LEU A 122 23.48 -7.22 -4.14
C LEU A 122 24.12 -5.86 -3.77
N LEU A 123 24.73 -5.75 -2.59
CA LEU A 123 25.36 -4.49 -2.19
C LEU A 123 26.53 -4.16 -3.08
N GLU A 124 27.32 -5.16 -3.48
CA GLU A 124 28.41 -5.02 -4.43
C GLU A 124 27.88 -4.49 -5.78
N ARG A 125 26.83 -5.14 -6.33
CA ARG A 125 26.27 -4.70 -7.62
C ARG A 125 25.74 -3.25 -7.58
N MET A 126 25.15 -2.85 -6.46
CA MET A 126 24.72 -1.47 -6.27
C MET A 126 25.84 -0.48 -5.85
N ASN A 127 27.08 -0.96 -5.73
CA ASN A 127 28.24 -0.17 -5.26
C ASN A 127 28.05 0.44 -3.86
N LEU A 128 27.44 -0.32 -2.97
CA LEU A 128 27.24 0.14 -1.60
C LEU A 128 28.15 -0.53 -0.60
N THR A 129 28.90 -1.54 -1.03
CA THR A 129 29.63 -2.37 -0.10
C THR A 129 30.51 -1.52 0.82
N GLY A 130 31.16 -0.53 0.25
CA GLY A 130 32.08 0.33 1.00
C GLY A 130 31.45 1.06 2.18
N TYR A 131 30.14 1.27 2.15
CA TYR A 131 29.47 1.93 3.24
C TYR A 131 29.15 1.01 4.40
N PHE A 132 29.09 -0.29 4.14
CA PHE A 132 28.65 -1.21 5.17
C PHE A 132 29.79 -1.67 6.06
N ASP A 133 29.56 -1.56 7.37
CA ASP A 133 30.52 -2.04 8.38
C ASP A 133 30.30 -3.53 8.69
N ALA A 134 29.09 -4.03 8.53
CA ALA A 134 28.84 -5.49 8.59
C ALA A 134 27.60 -5.86 7.84
N ILE A 135 27.54 -7.15 7.48
CA ILE A 135 26.37 -7.75 6.93
C ILE A 135 26.08 -8.98 7.79
N ALA A 136 24.93 -8.96 8.45
CA ALA A 136 24.54 -10.07 9.27
C ALA A 136 24.23 -11.29 8.38
N ASP A 137 24.83 -12.43 8.70
CA ASP A 137 24.67 -13.60 7.84
C ASP A 137 23.45 -14.36 8.26
N PRO A 138 22.38 -14.36 7.42
CA PRO A 138 21.16 -15.07 7.85
C PRO A 138 21.34 -16.57 8.05
N ALA A 139 22.36 -17.15 7.42
CA ALA A 139 22.71 -18.56 7.66
C ALA A 139 23.24 -18.78 9.09
N GLU A 140 23.75 -17.73 9.75
CA GLU A 140 24.31 -17.88 11.11
C GLU A 140 23.37 -17.49 12.21
N VAL A 141 22.13 -17.12 11.87
CA VAL A 141 21.12 -16.77 12.86
C VAL A 141 20.00 -17.83 12.93
N ALA A 142 19.51 -18.04 14.14
CA ALA A 142 18.63 -19.16 14.46
C ALA A 142 17.21 -19.01 13.90
N ALA A 143 16.67 -17.79 13.94
CA ALA A 143 15.27 -17.54 13.63
C ALA A 143 15.06 -16.29 12.79
N SER A 144 14.03 -16.33 11.95
CA SER A 144 13.82 -15.24 11.01
C SER A 144 12.86 -14.23 11.65
N LYS A 145 12.79 -13.06 11.02
CA LYS A 145 11.85 -12.01 11.42
C LYS A 145 10.47 -12.69 11.47
N PRO A 146 9.61 -12.44 12.45
CA PRO A 146 9.72 -11.33 13.42
C PRO A 146 10.59 -11.57 14.65
N ALA A 147 11.31 -12.68 14.71
CA ALA A 147 12.31 -12.84 15.79
C ALA A 147 13.37 -11.75 15.64
N PRO A 148 13.90 -11.24 16.77
CA PRO A 148 14.86 -10.15 16.69
C PRO A 148 16.30 -10.54 16.31
N ASP A 149 16.62 -11.85 16.18
CA ASP A 149 18.01 -12.37 16.10
C ASP A 149 18.87 -11.64 15.04
N ILE A 150 18.30 -11.43 13.86
CA ILE A 150 19.07 -10.85 12.73
C ILE A 150 19.50 -9.39 13.06
N PHE A 151 18.63 -8.64 13.74
CA PHE A 151 18.95 -7.29 14.14
C PHE A 151 19.96 -7.26 15.28
N ILE A 152 19.82 -8.19 16.21
CA ILE A 152 20.78 -8.36 17.28
C ILE A 152 22.16 -8.67 16.70
N ALA A 153 22.19 -9.58 15.72
CA ALA A 153 23.46 -9.96 15.13
C ALA A 153 24.09 -8.79 14.39
N ALA A 154 23.27 -8.07 13.64
CA ALA A 154 23.75 -6.89 12.88
C ALA A 154 24.36 -5.84 13.81
N ALA A 155 23.72 -5.57 14.94
CA ALA A 155 24.20 -4.60 15.94
C ALA A 155 25.52 -5.08 16.48
N HIS A 156 25.52 -6.30 16.99
CA HIS A 156 26.70 -6.87 17.62
C HIS A 156 27.87 -6.91 16.66
N ALA A 157 27.59 -7.16 15.37
CA ALA A 157 28.65 -7.22 14.36
C ALA A 157 29.40 -5.92 14.17
N VAL A 158 28.75 -4.81 14.45
CA VAL A 158 29.39 -3.52 14.41
C VAL A 158 29.81 -2.98 15.78
N GLY A 159 29.66 -3.81 16.81
CA GLY A 159 30.15 -3.51 18.18
C GLY A 159 29.23 -2.62 18.98
N VAL A 160 27.95 -2.64 18.62
CA VAL A 160 26.95 -1.89 19.37
C VAL A 160 25.84 -2.80 19.93
N ALA A 161 25.13 -2.27 20.93
CA ALA A 161 23.94 -2.92 21.43
C ALA A 161 22.81 -2.45 20.53
N PRO A 162 21.82 -3.33 20.30
CA PRO A 162 20.64 -2.88 19.57
C PRO A 162 19.98 -1.60 20.16
N SER A 163 20.01 -1.43 21.49
CA SER A 163 19.51 -0.20 22.12
C SER A 163 20.22 1.09 21.71
N GLU A 164 21.37 0.98 21.03
CA GLU A 164 22.08 2.12 20.46
C GLU A 164 21.80 2.31 18.97
N SER A 165 20.77 1.63 18.45
CA SER A 165 20.60 1.55 17.01
C SER A 165 19.20 1.95 16.58
N ILE A 166 19.12 2.45 15.37
CA ILE A 166 17.87 2.61 14.61
C ILE A 166 17.82 1.44 13.61
N GLY A 167 16.63 0.88 13.47
CA GLY A 167 16.35 -0.11 12.42
C GLY A 167 15.36 0.43 11.43
N LEU A 168 15.68 0.23 10.13
CA LEU A 168 14.81 0.68 9.03
C LEU A 168 14.16 -0.52 8.33
N GLU A 169 12.83 -0.51 8.24
CA GLU A 169 12.08 -1.65 7.71
C GLU A 169 10.78 -1.20 7.05
N ASP A 170 10.34 -1.99 6.08
CA ASP A 170 9.06 -1.76 5.38
C ASP A 170 8.03 -2.82 5.72
N SER A 171 8.38 -3.85 6.49
CA SER A 171 7.44 -4.96 6.76
C SER A 171 7.02 -5.02 8.21
N GLN A 172 5.84 -5.61 8.45
CA GLN A 172 5.33 -5.75 9.83
C GLN A 172 6.21 -6.65 10.65
N ALA A 173 6.59 -7.80 10.10
CA ALA A 173 7.49 -8.71 10.81
C ALA A 173 8.83 -8.04 11.16
N GLY A 174 9.34 -7.23 10.24
CA GLY A 174 10.63 -6.58 10.45
C GLY A 174 10.57 -5.51 11.52
N ILE A 175 9.49 -4.73 11.54
CA ILE A 175 9.27 -3.72 12.60
C ILE A 175 9.19 -4.41 13.92
N GLN A 176 8.47 -5.52 13.97
CA GLN A 176 8.37 -6.30 15.22
C GLN A 176 9.74 -6.81 15.66
N ALA A 177 10.57 -7.28 14.72
CA ALA A 177 11.91 -7.79 15.04
C ALA A 177 12.80 -6.67 15.58
N ILE A 178 12.67 -5.48 15.01
CA ILE A 178 13.43 -4.34 15.50
C ILE A 178 13.02 -3.99 16.96
N LYS A 179 11.72 -3.85 17.16
CA LYS A 179 11.16 -3.61 18.49
C LYS A 179 11.68 -4.59 19.51
N ASP A 180 11.59 -5.88 19.21
CA ASP A 180 12.03 -6.92 20.18
C ASP A 180 13.53 -7.00 20.39
N SER A 181 14.33 -6.48 19.44
CA SER A 181 15.79 -6.45 19.58
C SER A 181 16.26 -5.37 20.55
N GLY A 182 15.47 -4.33 20.73
CA GLY A 182 15.82 -3.20 21.58
C GLY A 182 16.06 -1.96 20.78
N ALA A 183 16.20 -2.10 19.45
CA ALA A 183 16.47 -0.95 18.57
C ALA A 183 15.22 -0.12 18.35
N LEU A 184 15.37 1.09 17.85
CA LEU A 184 14.23 1.98 17.55
C LEU A 184 13.86 1.82 16.08
N PRO A 185 12.60 1.43 15.76
CA PRO A 185 12.23 1.33 14.36
C PRO A 185 11.75 2.65 13.76
N ILE A 186 12.11 2.87 12.53
CA ILE A 186 11.44 3.88 11.71
C ILE A 186 11.00 3.14 10.46
N GLY A 187 9.68 3.02 10.32
CA GLY A 187 9.08 2.33 9.19
C GLY A 187 9.09 3.16 7.92
N VAL A 188 9.04 2.49 6.78
CA VAL A 188 8.74 3.14 5.52
C VAL A 188 7.52 2.45 4.88
N GLY A 189 6.52 3.26 4.56
CA GLY A 189 5.29 2.78 3.89
C GLY A 189 4.11 3.47 4.53
N ARG A 190 3.12 2.67 4.95
CA ARG A 190 1.80 3.18 5.41
C ARG A 190 1.52 2.74 6.85
N PRO A 191 0.93 3.63 7.70
CA PRO A 191 0.63 3.19 9.07
C PRO A 191 -0.47 2.15 9.14
N GLU A 192 -1.29 2.12 8.10
CA GLU A 192 -2.33 1.12 7.93
C GLU A 192 -1.71 -0.28 7.93
N ASP A 193 -0.48 -0.40 7.41
CA ASP A 193 0.26 -1.65 7.37
C ASP A 193 1.19 -1.84 8.58
N LEU A 194 1.82 -0.76 9.05
CA LEU A 194 2.93 -0.92 10.00
C LEU A 194 2.64 -0.53 11.43
N GLY A 195 1.48 0.09 11.69
CA GLY A 195 1.09 0.48 13.04
C GLY A 195 1.24 1.97 13.30
N ASP A 196 0.47 2.44 14.27
CA ASP A 196 0.37 3.88 14.59
C ASP A 196 1.31 4.26 15.71
N ASP A 197 1.97 3.27 16.32
CA ASP A 197 2.84 3.49 17.49
C ASP A 197 4.30 3.85 17.11
N ILE A 198 4.70 3.60 15.87
CA ILE A 198 6.07 3.88 15.43
C ILE A 198 6.07 5.05 14.46
N VAL A 199 7.21 5.70 14.32
CA VAL A 199 7.40 6.74 13.31
C VAL A 199 7.49 6.05 11.96
N ILE A 200 6.69 6.50 11.00
CA ILE A 200 6.75 5.98 9.63
C ILE A 200 6.88 7.09 8.62
N VAL A 201 7.71 6.87 7.61
CA VAL A 201 7.82 7.79 6.48
C VAL A 201 7.11 7.19 5.26
N PRO A 202 6.59 8.05 4.35
CA PRO A 202 5.86 7.55 3.16
C PRO A 202 6.76 6.86 2.14
N ASP A 203 8.01 7.32 2.01
CA ASP A 203 9.00 6.68 1.16
C ASP A 203 10.42 6.95 1.65
N THR A 204 11.38 6.27 1.02
CA THR A 204 12.76 6.32 1.52
C THR A 204 13.43 7.68 1.34
N SER A 205 12.92 8.56 0.46
CA SER A 205 13.53 9.90 0.34
C SER A 205 13.41 10.69 1.65
N HIS A 206 12.49 10.30 2.52
CA HIS A 206 12.34 10.89 3.84
C HIS A 206 13.34 10.37 4.91
N TYR A 207 14.05 9.28 4.62
CA TYR A 207 15.09 8.81 5.52
C TYR A 207 16.32 9.69 5.36
N THR A 208 16.42 10.76 6.12
CA THR A 208 17.63 11.59 6.09
C THR A 208 18.25 11.53 7.47
N LEU A 209 19.54 11.80 7.51
CA LEU A 209 20.27 11.86 8.79
C LEU A 209 19.55 12.82 9.73
N GLU A 210 19.20 14.03 9.24
CA GLU A 210 18.52 15.00 10.12
C GLU A 210 17.23 14.47 10.69
N PHE A 211 16.43 13.82 9.83
CA PHE A 211 15.20 13.21 10.31
C PHE A 211 15.45 12.10 11.33
N LEU A 212 16.43 11.23 11.06
CA LEU A 212 16.74 10.17 12.03
C LEU A 212 17.18 10.76 13.39
N LYS A 213 18.00 11.81 13.37
CA LYS A 213 18.41 12.51 14.58
C LYS A 213 17.24 13.04 15.36
N GLU A 214 16.33 13.72 14.64
CA GLU A 214 15.14 14.28 15.29
C GLU A 214 14.28 13.18 15.91
N VAL A 215 14.12 12.06 15.20
CA VAL A 215 13.35 10.94 15.76
C VAL A 215 14.03 10.40 17.04
N TRP A 216 15.34 10.18 16.98
CA TRP A 216 16.08 9.72 18.14
C TRP A 216 15.87 10.62 19.36
N LEU A 217 16.02 11.93 19.16
CA LEU A 217 15.88 12.93 20.25
C LEU A 217 14.48 12.95 20.80
N GLN A 218 13.49 12.66 19.97
CA GLN A 218 12.11 12.71 20.42
C GLN A 218 11.58 11.44 21.10
N LYS A 219 12.35 10.35 21.09
CA LYS A 219 11.86 9.09 21.65
C LYS A 219 11.86 9.17 23.18
N MET B 1 -13.27 6.96 -29.11
CA MET B 1 -12.72 7.40 -27.83
C MET B 1 -13.79 7.38 -26.71
N PHE B 2 -13.36 7.14 -25.49
CA PHE B 2 -14.27 7.24 -24.35
C PHE B 2 -14.98 8.61 -24.29
N LYS B 3 -16.23 8.56 -23.81
CA LYS B 3 -17.11 9.71 -23.72
C LYS B 3 -17.31 10.22 -22.31
N ALA B 4 -16.89 9.45 -21.31
CA ALA B 4 -17.03 9.88 -19.93
C ALA B 4 -15.96 9.30 -19.06
N VAL B 5 -15.72 9.98 -17.93
CA VAL B 5 -14.84 9.47 -16.86
C VAL B 5 -15.63 9.49 -15.55
N LEU B 6 -15.68 8.34 -14.90
CA LEU B 6 -16.46 8.16 -13.66
C LEU B 6 -15.44 8.09 -12.51
N PHE B 7 -15.48 9.08 -11.63
CA PHE B 7 -14.50 9.24 -10.56
C PHE B 7 -15.07 8.74 -9.23
N ASP B 8 -14.34 7.87 -8.56
CA ASP B 8 -14.49 7.71 -7.11
C ASP B 8 -13.94 9.03 -6.44
N LEU B 9 -14.32 9.28 -5.19
CA LEU B 9 -13.87 10.45 -4.51
C LEU B 9 -12.65 10.10 -3.64
N ASP B 10 -12.86 9.36 -2.55
CA ASP B 10 -11.77 9.04 -1.62
C ASP B 10 -10.66 8.24 -2.27
N GLY B 11 -9.44 8.76 -2.16
CA GLY B 11 -8.24 8.12 -2.74
C GLY B 11 -8.01 8.41 -4.21
N VAL B 12 -8.93 9.15 -4.83
CA VAL B 12 -8.77 9.59 -6.22
C VAL B 12 -8.74 11.14 -6.24
N ILE B 13 -9.83 11.76 -5.79
CA ILE B 13 -9.95 13.22 -5.80
C ILE B 13 -9.33 13.84 -4.55
N THR B 14 -9.56 13.21 -3.41
CA THR B 14 -9.02 13.72 -2.14
C THR B 14 -9.03 12.57 -1.11
N ASP B 15 -8.57 12.87 0.11
CA ASP B 15 -8.55 11.89 1.23
C ASP B 15 -9.67 12.27 2.20
N THR B 16 -10.71 11.46 2.28
CA THR B 16 -11.69 11.53 3.38
C THR B 16 -11.48 10.44 4.45
N ALA B 17 -10.77 9.37 4.07
CA ALA B 17 -10.60 8.20 4.94
C ALA B 17 -9.96 8.63 6.27
N GLU B 18 -9.09 9.63 6.23
CA GLU B 18 -8.39 10.08 7.43
C GLU B 18 -9.40 10.63 8.46
N TYR B 19 -10.36 11.41 7.98
CA TYR B 19 -11.37 12.00 8.85
C TYR B 19 -12.30 10.92 9.41
N HIS B 20 -12.70 9.94 8.58
CA HIS B 20 -13.53 8.81 9.09
C HIS B 20 -12.75 8.11 10.23
N PHE B 21 -11.45 7.90 10.00
CA PHE B 21 -10.63 7.22 10.96
C PHE B 21 -10.58 8.00 12.28
N ARG B 22 -10.32 9.29 12.19
CA ARG B 22 -10.26 10.11 13.39
C ARG B 22 -11.56 10.13 14.15
N ALA B 23 -12.67 10.17 13.42
CA ALA B 23 -13.97 10.19 14.07
C ALA B 23 -14.29 8.85 14.76
N TRP B 24 -14.00 7.73 14.11
CA TRP B 24 -14.19 6.42 14.73
C TRP B 24 -13.30 6.25 15.97
N LYS B 25 -12.04 6.68 15.87
CA LYS B 25 -11.08 6.56 16.98
C LYS B 25 -11.59 7.39 18.18
N ALA B 26 -11.95 8.64 17.91
CA ALA B 26 -12.56 9.50 18.93
C ALA B 26 -13.75 8.83 19.57
N LEU B 27 -14.69 8.30 18.77
CA LEU B 27 -15.82 7.56 19.34
C LEU B 27 -15.41 6.37 20.20
N ALA B 28 -14.50 5.55 19.69
CA ALA B 28 -14.06 4.35 20.44
C ALA B 28 -13.48 4.72 21.81
N GLU B 29 -12.67 5.78 21.85
CA GLU B 29 -12.15 6.36 23.10
C GLU B 29 -13.24 6.81 24.08
N GLU B 30 -14.22 7.56 23.60
CA GLU B 30 -15.28 8.03 24.48
C GLU B 30 -16.07 6.89 25.09
N ILE B 31 -16.10 5.75 24.42
CA ILE B 31 -16.85 4.58 24.80
C ILE B 31 -15.93 3.52 25.46
N GLY B 32 -14.65 3.84 25.65
CA GLY B 32 -13.71 2.97 26.36
C GLY B 32 -13.25 1.72 25.64
N ILE B 33 -13.33 1.72 24.30
CA ILE B 33 -12.95 0.56 23.50
C ILE B 33 -11.54 0.82 22.93
N ASN B 34 -10.65 -0.16 23.12
CA ASN B 34 -9.26 -0.11 22.67
C ASN B 34 -9.16 -0.84 21.36
N GLY B 35 -8.17 -0.46 20.55
CA GLY B 35 -7.85 -1.21 19.32
C GLY B 35 -8.25 -0.58 17.99
N VAL B 36 -8.94 0.56 18.02
CA VAL B 36 -9.32 1.28 16.79
C VAL B 36 -8.11 2.11 16.32
N ASP B 37 -7.19 1.43 15.65
CA ASP B 37 -6.01 2.07 15.05
C ASP B 37 -6.15 2.00 13.55
N ARG B 38 -5.19 2.57 12.81
CA ARG B 38 -5.27 2.60 11.33
C ARG B 38 -5.26 1.23 10.70
N GLN B 39 -4.55 0.30 11.33
CA GLN B 39 -4.54 -1.08 10.88
C GLN B 39 -5.94 -1.66 10.99
N PHE B 40 -6.54 -1.54 12.17
CA PHE B 40 -7.93 -1.97 12.39
C PHE B 40 -8.88 -1.25 11.46
N ASN B 41 -8.64 0.04 11.23
CA ASN B 41 -9.53 0.85 10.40
C ASN B 41 -9.66 0.35 8.93
N GLU B 42 -8.71 -0.48 8.49
CA GLU B 42 -8.84 -1.16 7.20
C GLU B 42 -10.09 -2.02 7.09
N GLN B 43 -10.48 -2.64 8.19
CA GLN B 43 -11.74 -3.41 8.28
C GLN B 43 -13.03 -2.56 8.22
N LEU B 44 -12.92 -1.24 8.44
CA LEU B 44 -14.07 -0.32 8.34
C LEU B 44 -14.25 0.29 6.95
N LYS B 45 -13.26 0.14 6.07
CA LYS B 45 -13.31 0.79 4.76
C LYS B 45 -14.33 0.11 3.87
N GLY B 46 -15.23 0.90 3.28
CA GLY B 46 -16.26 0.36 2.40
C GLY B 46 -17.42 -0.33 3.09
N VAL B 47 -17.52 -0.19 4.42
CA VAL B 47 -18.49 -0.87 5.28
C VAL B 47 -19.46 0.21 5.74
N SER B 48 -20.73 -0.13 5.94
CA SER B 48 -21.70 0.90 6.34
C SER B 48 -21.34 1.48 7.71
N ARG B 49 -21.87 2.66 8.00
CA ARG B 49 -21.72 3.30 9.31
C ARG B 49 -22.16 2.38 10.47
N GLU B 50 -23.30 1.74 10.28
CA GLU B 50 -23.89 0.81 11.24
C GLU B 50 -23.03 -0.41 11.42
N ASP B 51 -22.64 -1.07 10.33
CA ASP B 51 -21.73 -2.23 10.41
C ASP B 51 -20.34 -1.89 10.96
N SER B 52 -19.84 -0.68 10.67
CA SER B 52 -18.57 -0.23 11.23
C SER B 52 -18.65 -0.06 12.77
N LEU B 53 -19.69 0.60 13.25
CA LEU B 53 -19.90 0.73 14.69
C LEU B 53 -19.92 -0.62 15.36
N GLN B 54 -20.68 -1.55 14.79
CA GLN B 54 -20.79 -2.92 15.31
C GLN B 54 -19.45 -3.60 15.43
N LYS B 55 -18.62 -3.51 14.37
CA LYS B 55 -17.28 -4.12 14.44
C LYS B 55 -16.46 -3.55 15.59
N ILE B 56 -16.63 -2.26 15.87
CA ILE B 56 -15.93 -1.60 16.97
C ILE B 56 -16.49 -2.10 18.30
N LEU B 57 -17.81 -2.17 18.39
CA LEU B 57 -18.48 -2.77 19.59
C LEU B 57 -18.02 -4.21 19.84
N ASP B 58 -17.98 -5.03 18.77
CA ASP B 58 -17.50 -6.43 18.85
C ASP B 58 -16.09 -6.64 19.37
N LEU B 59 -15.23 -5.62 19.27
CA LEU B 59 -13.89 -5.65 19.88
C LEU B 59 -13.92 -5.89 21.38
N ALA B 60 -14.82 -5.18 22.07
CA ALA B 60 -14.98 -5.27 23.52
C ALA B 60 -16.20 -6.11 23.92
N ASP B 61 -16.67 -6.99 23.03
CA ASP B 61 -17.90 -7.77 23.21
C ASP B 61 -19.04 -6.95 23.84
N LYS B 62 -19.13 -5.68 23.45
CA LYS B 62 -20.00 -4.70 24.11
C LYS B 62 -21.36 -4.64 23.43
N LYS B 63 -22.40 -4.47 24.25
CA LYS B 63 -23.79 -4.36 23.79
C LYS B 63 -24.34 -2.97 24.11
N VAL B 64 -25.31 -2.52 23.31
CA VAL B 64 -26.02 -1.27 23.57
C VAL B 64 -27.47 -1.37 23.14
N SER B 65 -28.30 -0.41 23.57
CA SER B 65 -29.70 -0.35 23.16
C SER B 65 -29.75 -0.01 21.70
N ALA B 66 -30.86 -0.31 21.04
CA ALA B 66 -31.01 0.14 19.65
C ALA B 66 -30.95 1.67 19.58
N GLU B 67 -31.52 2.33 20.59
CA GLU B 67 -31.51 3.79 20.69
C GLU B 67 -30.09 4.36 20.88
N GLU B 68 -29.31 3.70 21.73
CA GLU B 68 -27.93 4.11 21.98
C GLU B 68 -27.07 3.90 20.73
N PHE B 69 -27.33 2.80 20.01
CA PHE B 69 -26.58 2.45 18.82
C PHE B 69 -26.78 3.56 17.80
N LYS B 70 -28.01 4.05 17.69
CA LYS B 70 -28.32 5.14 16.78
C LYS B 70 -27.61 6.41 17.16
N GLU B 71 -27.54 6.75 18.45
CA GLU B 71 -26.84 7.99 18.87
C GLU B 71 -25.34 7.92 18.71
N LEU B 72 -24.80 6.72 18.79
CA LEU B 72 -23.36 6.55 18.63
C LEU B 72 -22.95 6.75 17.15
N ALA B 73 -23.66 6.08 16.27
CA ALA B 73 -23.49 6.25 14.82
C ALA B 73 -23.64 7.71 14.44
N LYS B 74 -24.63 8.36 15.02
CA LYS B 74 -24.91 9.74 14.80
C LYS B 74 -23.79 10.66 15.28
N ARG B 75 -23.28 10.44 16.51
CA ARG B 75 -22.18 11.26 17.02
C ARG B 75 -20.93 11.14 16.13
N LYS B 76 -20.65 9.95 15.62
CA LYS B 76 -19.48 9.77 14.72
C LYS B 76 -19.68 10.54 13.43
N ASN B 77 -20.88 10.45 12.87
CA ASN B 77 -21.15 11.17 11.64
C ASN B 77 -21.07 12.67 11.86
N ASP B 78 -21.63 13.13 12.98
CA ASP B 78 -21.57 14.53 13.31
C ASP B 78 -20.15 15.04 13.40
N ASN B 79 -19.28 14.25 13.98
CA ASN B 79 -17.91 14.68 14.15
C ASN B 79 -17.21 14.67 12.78
N TYR B 80 -17.50 13.62 12.01
CA TYR B 80 -16.98 13.51 10.63
C TYR B 80 -17.38 14.76 9.86
N VAL B 81 -18.67 15.11 9.87
CA VAL B 81 -19.17 16.28 9.12
C VAL B 81 -18.55 17.57 9.64
N LYS B 82 -18.37 17.68 10.96
CA LYS B 82 -17.62 18.79 11.48
C LYS B 82 -16.18 18.83 10.93
N MET B 83 -15.51 17.69 10.87
CA MET B 83 -14.13 17.65 10.43
C MET B 83 -13.92 17.98 8.95
N ILE B 84 -14.88 17.66 8.10
CA ILE B 84 -14.73 17.96 6.66
C ILE B 84 -15.12 19.40 6.28
N GLN B 85 -15.56 20.18 7.26
CA GLN B 85 -15.84 21.60 7.06
C GLN B 85 -14.61 22.37 6.57
N ASP B 86 -13.42 21.89 6.91
CA ASP B 86 -12.18 22.54 6.52
C ASP B 86 -11.63 22.08 5.16
N VAL B 87 -12.31 21.14 4.49
CA VAL B 87 -11.83 20.66 3.19
C VAL B 87 -11.80 21.84 2.25
N SER B 88 -10.76 21.96 1.46
CA SER B 88 -10.60 23.15 0.62
C SER B 88 -10.00 22.77 -0.71
N PRO B 89 -9.90 23.73 -1.64
CA PRO B 89 -9.29 23.40 -2.92
C PRO B 89 -7.85 22.88 -2.80
N ALA B 90 -7.15 23.25 -1.72
CA ALA B 90 -5.79 22.73 -1.49
C ALA B 90 -5.71 21.22 -1.24
N ASP B 91 -6.84 20.56 -0.92
CA ASP B 91 -6.86 19.13 -0.65
C ASP B 91 -7.10 18.26 -1.88
N VAL B 92 -7.30 18.87 -3.05
CA VAL B 92 -7.45 18.08 -4.27
C VAL B 92 -6.14 17.40 -4.59
N TYR B 93 -6.21 16.13 -4.95
CA TYR B 93 -5.03 15.35 -5.24
C TYR B 93 -4.28 15.84 -6.49
N PRO B 94 -2.94 15.66 -6.54
CA PRO B 94 -2.12 16.09 -7.66
C PRO B 94 -2.65 15.57 -8.98
N GLY B 95 -2.69 16.44 -9.99
CA GLY B 95 -3.09 16.07 -11.36
C GLY B 95 -4.60 16.09 -11.63
N ILE B 96 -5.41 16.12 -10.58
CA ILE B 96 -6.88 15.93 -10.74
C ILE B 96 -7.56 17.18 -11.29
N LEU B 97 -7.20 18.35 -10.77
CA LEU B 97 -7.77 19.58 -11.28
C LEU B 97 -7.43 19.70 -12.76
N GLN B 98 -6.19 19.42 -13.13
CA GLN B 98 -5.78 19.57 -14.55
C GLN B 98 -6.52 18.57 -15.42
N LEU B 99 -6.67 17.33 -14.94
CA LEU B 99 -7.44 16.32 -15.65
C LEU B 99 -8.86 16.77 -15.89
N LEU B 100 -9.52 17.25 -14.84
CA LEU B 100 -10.90 17.77 -14.97
C LEU B 100 -11.02 18.87 -16.03
N LYS B 101 -10.11 19.84 -15.98
CA LYS B 101 -10.10 20.91 -16.98
C LYS B 101 -9.93 20.39 -18.41
N ASP B 102 -9.00 19.48 -18.59
CA ASP B 102 -8.73 18.86 -19.88
C ASP B 102 -9.89 18.01 -20.41
N LEU B 103 -10.53 17.26 -19.52
CA LEU B 103 -11.73 16.52 -19.89
C LEU B 103 -12.82 17.47 -20.32
N ARG B 104 -13.04 18.53 -19.53
CA ARG B 104 -14.10 19.48 -19.81
C ARG B 104 -13.84 20.12 -21.17
N SER B 105 -12.58 20.48 -21.42
CA SER B 105 -12.20 21.20 -22.65
C SER B 105 -12.41 20.32 -23.87
N ASN B 106 -12.24 19.01 -23.69
CA ASN B 106 -12.45 18.03 -24.76
C ASN B 106 -13.87 17.42 -24.84
N LYS B 107 -14.82 18.00 -24.12
CA LYS B 107 -16.23 17.61 -24.16
C LYS B 107 -16.45 16.19 -23.66
N ILE B 108 -15.57 15.75 -22.76
CA ILE B 108 -15.73 14.44 -22.12
C ILE B 108 -16.56 14.64 -20.84
N LYS B 109 -17.57 13.80 -20.64
CA LYS B 109 -18.47 13.88 -19.48
C LYS B 109 -17.72 13.42 -18.22
N ILE B 110 -18.10 14.02 -17.11
CA ILE B 110 -17.42 13.84 -15.83
C ILE B 110 -18.53 13.58 -14.82
N ALA B 111 -18.45 12.43 -14.16
CA ALA B 111 -19.42 12.03 -13.16
C ALA B 111 -18.74 11.50 -11.90
N LEU B 112 -19.35 11.77 -10.75
CA LEU B 112 -18.95 11.19 -9.49
C LEU B 112 -19.71 9.86 -9.22
N ALA B 113 -18.92 8.83 -8.93
CA ALA B 113 -19.43 7.51 -8.64
C ALA B 113 -18.87 7.10 -7.28
N SER B 114 -19.32 7.80 -6.24
CA SER B 114 -18.75 7.64 -4.88
C SER B 114 -19.84 7.22 -3.92
N ALA B 115 -19.45 6.45 -2.91
CA ALA B 115 -20.30 6.13 -1.78
C ALA B 115 -20.48 7.29 -0.81
N SER B 116 -19.68 8.34 -0.94
CA SER B 116 -19.76 9.48 -0.03
C SER B 116 -21.18 10.06 0.01
N LYS B 117 -21.72 10.13 1.20
CA LYS B 117 -22.98 10.77 1.43
C LYS B 117 -22.83 12.27 1.47
N ASN B 118 -21.58 12.75 1.41
CA ASN B 118 -21.32 14.18 1.35
C ASN B 118 -20.64 14.62 0.04
N GLY B 119 -20.80 13.85 -1.04
CA GLY B 119 -20.11 14.15 -2.31
C GLY B 119 -20.34 15.57 -2.84
N PRO B 120 -21.58 15.97 -2.99
CA PRO B 120 -21.82 17.30 -3.51
C PRO B 120 -21.23 18.41 -2.66
N PHE B 121 -21.39 18.28 -1.36
CA PHE B 121 -20.74 19.18 -0.41
C PHE B 121 -19.23 19.20 -0.56
N LEU B 122 -18.59 18.03 -0.62
CA LEU B 122 -17.15 17.98 -0.78
C LEU B 122 -16.65 18.61 -2.09
N LEU B 123 -17.37 18.37 -3.19
CA LEU B 123 -17.01 18.99 -4.45
C LEU B 123 -17.20 20.52 -4.41
N GLU B 124 -18.22 21.02 -3.73
CA GLU B 124 -18.40 22.47 -3.53
C GLU B 124 -17.24 23.04 -2.74
N ARG B 125 -16.88 22.40 -1.62
CA ARG B 125 -15.73 22.82 -0.79
C ARG B 125 -14.39 22.83 -1.56
N MET B 126 -14.19 21.86 -2.46
CA MET B 126 -13.00 21.83 -3.34
C MET B 126 -13.07 22.67 -4.62
N ASN B 127 -14.20 23.36 -4.80
N ASN B 127 -14.19 23.39 -4.79
CA ASN B 127 -14.48 24.19 -5.97
CA ASN B 127 -14.48 24.20 -5.97
C ASN B 127 -14.40 23.40 -7.27
C ASN B 127 -14.37 23.39 -7.26
N LEU B 128 -14.98 22.20 -7.26
CA LEU B 128 -14.96 21.29 -8.42
C LEU B 128 -16.31 21.08 -9.05
N THR B 129 -17.37 21.57 -8.40
CA THR B 129 -18.73 21.40 -8.88
C THR B 129 -18.89 21.72 -10.34
N GLY B 130 -18.26 22.80 -10.78
CA GLY B 130 -18.29 23.23 -12.17
C GLY B 130 -17.91 22.17 -13.19
N TYR B 131 -16.96 21.30 -12.84
CA TYR B 131 -16.48 20.31 -13.76
C TYR B 131 -17.44 19.10 -13.88
N PHE B 132 -18.25 18.89 -12.86
CA PHE B 132 -19.06 17.66 -12.81
C PHE B 132 -20.41 17.78 -13.50
N ASP B 133 -20.62 16.91 -14.48
CA ASP B 133 -21.90 16.83 -15.18
C ASP B 133 -22.93 16.11 -14.36
N ALA B 134 -22.50 15.25 -13.45
CA ALA B 134 -23.46 14.53 -12.59
C ALA B 134 -22.76 13.96 -11.39
N ILE B 135 -23.57 13.74 -10.35
CA ILE B 135 -23.18 12.99 -9.17
C ILE B 135 -24.22 11.90 -8.96
N ALA B 136 -23.75 10.65 -8.93
CA ALA B 136 -24.66 9.52 -8.73
C ALA B 136 -24.98 9.53 -7.25
N ASP B 137 -26.26 9.42 -6.92
CA ASP B 137 -26.67 9.48 -5.52
C ASP B 137 -26.55 8.11 -4.92
N PRO B 138 -25.60 7.93 -3.98
CA PRO B 138 -25.43 6.60 -3.42
C PRO B 138 -26.64 6.15 -2.58
N ALA B 139 -27.46 7.09 -2.11
CA ALA B 139 -28.74 6.71 -1.46
C ALA B 139 -29.73 6.01 -2.38
N GLU B 140 -29.62 6.23 -3.68
CA GLU B 140 -30.53 5.63 -4.64
C GLU B 140 -30.00 4.35 -5.29
N VAL B 141 -28.85 3.85 -4.87
CA VAL B 141 -28.36 2.56 -5.42
C VAL B 141 -28.64 1.48 -4.39
N ALA B 142 -29.01 0.33 -4.92
CA ALA B 142 -29.44 -0.79 -4.12
C ALA B 142 -28.22 -1.51 -3.52
N ALA B 143 -27.09 -1.53 -4.22
CA ALA B 143 -25.92 -2.28 -3.71
C ALA B 143 -24.67 -1.47 -3.87
N SER B 144 -23.77 -1.57 -2.90
CA SER B 144 -22.55 -0.81 -2.94
C SER B 144 -21.42 -1.64 -3.56
N LYS B 145 -20.30 -0.96 -3.81
CA LYS B 145 -19.10 -1.55 -4.39
C LYS B 145 -18.75 -2.80 -3.53
N PRO B 146 -18.41 -3.95 -4.11
CA PRO B 146 -18.07 -4.13 -5.53
C PRO B 146 -19.21 -4.31 -6.56
N ALA B 147 -20.46 -4.21 -6.16
CA ALA B 147 -21.52 -4.16 -7.13
C ALA B 147 -21.32 -2.94 -8.06
N PRO B 148 -21.68 -3.12 -9.35
CA PRO B 148 -21.42 -2.10 -10.34
C PRO B 148 -22.40 -0.92 -10.33
N ASP B 149 -23.46 -1.00 -9.53
CA ASP B 149 -24.62 -0.08 -9.55
C ASP B 149 -24.25 1.41 -9.58
N ILE B 150 -23.33 1.80 -8.71
CA ILE B 150 -22.99 3.23 -8.60
C ILE B 150 -22.31 3.73 -9.90
N PHE B 151 -21.50 2.90 -10.55
CA PHE B 151 -20.82 3.28 -11.81
C PHE B 151 -21.79 3.26 -12.97
N ILE B 152 -22.70 2.30 -12.99
CA ILE B 152 -23.81 2.30 -13.97
C ILE B 152 -24.64 3.60 -13.89
N ALA B 153 -25.05 3.97 -12.66
CA ALA B 153 -25.85 5.15 -12.42
C ALA B 153 -25.12 6.45 -12.80
N ALA B 154 -23.83 6.51 -12.51
CA ALA B 154 -23.01 7.66 -12.89
C ALA B 154 -22.91 7.84 -14.39
N ALA B 155 -22.70 6.72 -15.09
CA ALA B 155 -22.61 6.77 -16.56
C ALA B 155 -23.95 7.22 -17.14
N HIS B 156 -25.02 6.58 -16.72
CA HIS B 156 -26.37 6.89 -17.19
C HIS B 156 -26.75 8.36 -16.96
N ALA B 157 -26.39 8.92 -15.81
CA ALA B 157 -26.68 10.31 -15.47
C ALA B 157 -26.07 11.32 -16.42
N VAL B 158 -24.97 10.95 -17.09
CA VAL B 158 -24.33 11.80 -18.08
C VAL B 158 -24.71 11.42 -19.50
N GLY B 159 -25.69 10.54 -19.66
CA GLY B 159 -26.16 10.11 -21.00
C GLY B 159 -25.26 9.16 -21.77
N VAL B 160 -24.44 8.38 -21.05
CA VAL B 160 -23.58 7.36 -21.69
C VAL B 160 -23.82 5.96 -21.13
N ALA B 161 -23.42 4.95 -21.90
CA ALA B 161 -23.37 3.59 -21.40
C ALA B 161 -22.01 3.45 -20.69
N PRO B 162 -21.96 2.63 -19.64
CA PRO B 162 -20.69 2.36 -18.99
C PRO B 162 -19.62 1.86 -19.94
N SER B 163 -20.00 1.10 -20.99
CA SER B 163 -19.06 0.73 -22.06
C SER B 163 -18.35 1.92 -22.76
N GLU B 164 -18.90 3.12 -22.64
CA GLU B 164 -18.27 4.31 -23.22
C GLU B 164 -17.38 5.05 -22.23
N SER B 165 -17.15 4.47 -21.04
CA SER B 165 -16.58 5.25 -19.92
C SER B 165 -15.32 4.59 -19.37
N ILE B 166 -14.48 5.43 -18.79
CA ILE B 166 -13.39 4.99 -17.94
C ILE B 166 -13.80 5.23 -16.50
N GLY B 167 -13.49 4.28 -15.63
CA GLY B 167 -13.66 4.50 -14.16
C GLY B 167 -12.29 4.62 -13.48
N LEU B 168 -12.15 5.62 -12.59
CA LEU B 168 -10.93 5.77 -11.79
C LEU B 168 -11.18 5.37 -10.33
N GLU B 169 -10.36 4.46 -9.81
CA GLU B 169 -10.56 3.94 -8.43
C GLU B 169 -9.23 3.58 -7.78
N ASP B 170 -9.20 3.62 -6.46
CA ASP B 170 -8.00 3.23 -5.68
C ASP B 170 -8.23 1.96 -4.86
N SER B 171 -9.39 1.30 -5.00
CA SER B 171 -9.70 0.16 -4.14
C SER B 171 -10.06 -1.05 -4.95
N GLN B 172 -9.88 -2.24 -4.36
CA GLN B 172 -10.19 -3.49 -5.04
C GLN B 172 -11.66 -3.57 -5.36
N ALA B 173 -12.48 -3.26 -4.37
CA ALA B 173 -13.89 -3.42 -4.53
C ALA B 173 -14.39 -2.49 -5.66
N GLY B 174 -13.81 -1.29 -5.69
CA GLY B 174 -14.17 -0.28 -6.68
C GLY B 174 -13.79 -0.70 -8.08
N ILE B 175 -12.59 -1.30 -8.21
CA ILE B 175 -12.14 -1.78 -9.53
C ILE B 175 -13.06 -2.91 -10.04
N GLN B 176 -13.47 -3.79 -9.13
CA GLN B 176 -14.39 -4.85 -9.49
C GLN B 176 -15.73 -4.24 -9.93
N ALA B 177 -16.15 -3.20 -9.24
CA ALA B 177 -17.42 -2.49 -9.59
C ALA B 177 -17.34 -1.91 -11.02
N ILE B 178 -16.23 -1.26 -11.32
CA ILE B 178 -15.99 -0.71 -12.64
C ILE B 178 -16.04 -1.83 -13.69
N LYS B 179 -15.26 -2.88 -13.46
CA LYS B 179 -15.25 -4.02 -14.37
C LYS B 179 -16.63 -4.54 -14.66
N ASP B 180 -17.40 -4.81 -13.60
CA ASP B 180 -18.73 -5.36 -13.77
C ASP B 180 -19.74 -4.37 -14.33
N SER B 181 -19.47 -3.07 -14.27
CA SER B 181 -20.34 -2.12 -14.96
C SER B 181 -20.23 -2.14 -16.48
N GLY B 182 -19.10 -2.62 -17.00
CA GLY B 182 -18.79 -2.56 -18.41
C GLY B 182 -17.85 -1.45 -18.78
N ALA B 183 -17.46 -0.62 -17.80
CA ALA B 183 -16.51 0.45 -18.03
C ALA B 183 -15.09 -0.07 -17.90
N LEU B 184 -14.14 0.77 -18.28
CA LEU B 184 -12.71 0.42 -18.27
C LEU B 184 -12.07 1.03 -17.04
N PRO B 185 -11.51 0.17 -16.16
CA PRO B 185 -10.83 0.69 -14.98
C PRO B 185 -9.38 1.07 -15.22
N ILE B 186 -8.99 2.16 -14.59
CA ILE B 186 -7.62 2.49 -14.43
C ILE B 186 -7.45 2.78 -12.94
N GLY B 187 -6.67 1.93 -12.31
CA GLY B 187 -6.44 1.99 -10.87
C GLY B 187 -5.34 2.94 -10.50
N VAL B 188 -5.37 3.37 -9.23
CA VAL B 188 -4.27 4.15 -8.67
C VAL B 188 -3.86 3.50 -7.37
N GLY B 189 -2.59 3.08 -7.33
CA GLY B 189 -2.02 2.37 -6.20
C GLY B 189 -1.05 1.31 -6.68
N ARG B 190 -1.25 0.10 -6.17
CA ARG B 190 -0.31 -1.02 -6.36
C ARG B 190 -1.01 -2.17 -7.06
N PRO B 191 -0.40 -2.74 -8.10
CA PRO B 191 -0.99 -3.95 -8.71
C PRO B 191 -1.14 -5.15 -7.76
N GLU B 192 -0.30 -5.19 -6.72
CA GLU B 192 -0.38 -6.20 -5.64
C GLU B 192 -1.73 -6.15 -4.93
N ASP B 193 -2.32 -4.94 -4.88
CA ASP B 193 -3.61 -4.72 -4.26
C ASP B 193 -4.76 -4.76 -5.27
N LEU B 194 -4.60 -4.11 -6.41
CA LEU B 194 -5.72 -3.93 -7.34
C LEU B 194 -5.75 -4.86 -8.55
N GLY B 195 -4.68 -5.64 -8.77
CA GLY B 195 -4.68 -6.65 -9.80
C GLY B 195 -3.81 -6.32 -10.96
N ASP B 196 -3.46 -7.37 -11.69
CA ASP B 196 -2.51 -7.28 -12.78
C ASP B 196 -3.08 -7.10 -14.15
N ASP B 197 -4.37 -7.40 -14.29
CA ASP B 197 -5.03 -7.35 -15.60
C ASP B 197 -5.45 -5.94 -16.04
N ILE B 198 -5.25 -4.91 -15.21
CA ILE B 198 -5.66 -3.57 -15.56
C ILE B 198 -4.47 -2.65 -15.49
N VAL B 199 -4.61 -1.48 -16.08
CA VAL B 199 -3.58 -0.48 -15.98
C VAL B 199 -3.72 0.14 -14.61
N ILE B 200 -2.60 0.19 -13.88
CA ILE B 200 -2.54 0.89 -12.59
C ILE B 200 -1.41 1.89 -12.63
N VAL B 201 -1.71 3.11 -12.18
CA VAL B 201 -0.72 4.15 -11.97
C VAL B 201 -0.32 4.29 -10.49
N PRO B 202 0.90 4.75 -10.22
CA PRO B 202 1.36 4.81 -8.81
C PRO B 202 0.75 5.96 -8.01
N ASP B 203 0.41 7.07 -8.67
CA ASP B 203 -0.32 8.15 -8.02
C ASP B 203 -1.12 8.95 -9.02
N THR B 204 -1.93 9.87 -8.50
CA THR B 204 -2.89 10.58 -9.35
C THR B 204 -2.25 11.54 -10.37
N SER B 205 -0.98 11.96 -10.17
CA SER B 205 -0.33 12.85 -11.14
C SER B 205 -0.15 12.15 -12.50
N HIS B 206 -0.21 10.82 -12.54
CA HIS B 206 -0.17 10.05 -13.80
C HIS B 206 -1.53 9.94 -14.52
N TYR B 207 -2.60 10.38 -13.88
CA TYR B 207 -3.92 10.43 -14.50
C TYR B 207 -3.95 11.70 -15.35
N THR B 208 -3.55 11.58 -16.60
CA THR B 208 -3.54 12.71 -17.54
C THR B 208 -4.50 12.33 -18.68
N LEU B 209 -5.08 13.32 -19.33
CA LEU B 209 -5.92 13.03 -20.46
C LEU B 209 -5.20 12.16 -21.49
N GLU B 210 -3.97 12.55 -21.81
CA GLU B 210 -3.21 11.80 -22.80
C GLU B 210 -3.03 10.33 -22.43
N PHE B 211 -2.78 10.06 -21.15
CA PHE B 211 -2.58 8.69 -20.71
C PHE B 211 -3.86 7.88 -20.76
N LEU B 212 -4.99 8.47 -20.31
CA LEU B 212 -6.26 7.75 -20.43
C LEU B 212 -6.60 7.43 -21.90
N LYS B 213 -6.35 8.37 -22.80
CA LYS B 213 -6.52 8.10 -24.25
C LYS B 213 -5.66 6.93 -24.69
N GLU B 214 -4.38 6.92 -24.29
CA GLU B 214 -3.49 5.80 -24.61
C GLU B 214 -3.99 4.48 -24.08
N VAL B 215 -4.50 4.45 -22.85
CA VAL B 215 -5.00 3.20 -22.30
C VAL B 215 -6.24 2.74 -23.08
N TRP B 216 -7.12 3.70 -23.39
CA TRP B 216 -8.36 3.38 -24.09
C TRP B 216 -8.02 2.71 -25.44
N LEU B 217 -7.09 3.33 -26.14
CA LEU B 217 -6.70 2.85 -27.47
C LEU B 217 -6.10 1.46 -27.42
N GLN B 218 -5.33 1.18 -26.37
CA GLN B 218 -4.70 -0.13 -26.24
C GLN B 218 -5.59 -1.25 -25.68
N LYS B 219 -6.79 -0.96 -25.15
CA LYS B 219 -7.52 -1.98 -24.36
C LYS B 219 -7.84 -3.28 -25.09
#